data_4P7X
#
_entry.id   4P7X
#
_cell.length_a   112.680
_cell.length_b   123.395
_cell.length_c   56.980
_cell.angle_alpha   90.000
_cell.angle_beta   90.000
_cell.angle_gamma   90.000
#
_symmetry.space_group_name_H-M   'C 2 2 21'
#
loop_
_entity.id
_entity.type
_entity.pdbx_description
1 polymer 'L-proline cis-4-hydroxylase'
2 non-polymer 'COBALT (II) ION'
3 non-polymer '2-OXOGLUTARIC ACID'
4 non-polymer '(2S)-piperidine-2-carboxylic acid'
5 non-polymer 'SULFATE ION'
6 non-polymer '3-CYCLOHEXYL-1-PROPYLSULFONIC ACID'
7 water water
#
_entity_poly.entity_id   1
_entity_poly.type   'polypeptide(L)'
_entity_poly.pdbx_seq_one_letter_code
;MASWSHPQFEKGATTRILGVVQLDQRRLTDDLAVLAKSNFSSEYSDFACGRWEFCMLRNQSGKQEEQRVVVHETPALATP
LGQSLPYLNELLDNHFDRDSIRYARIIRISENACIIPHRDYLELEGKFIRVHLVLDTNEKCSNTEENNIFHMGRGEIWFL
DASLPHSAGCFSPTPRLHLVVDIEGTRSLEEVAINVEQPSARNATVDTRKEWTDETLESVLGFSEIISEANYREIVAILA
KLHFFHKVHCVDMYGWLKEICRRRGEPALIEKANSLERFYLIDRAAGEVMTY
;
_entity_poly.pdbx_strand_id   A
#
# COMPACT_ATOMS: atom_id res chain seq x y z
N PRO A 7 -6.71 -13.81 12.62
CA PRO A 7 -6.49 -14.67 11.45
C PRO A 7 -5.01 -14.81 11.08
N GLN A 8 -4.67 -15.92 10.43
CA GLN A 8 -3.30 -16.26 10.02
C GLN A 8 -3.25 -16.34 8.51
N PHE A 9 -2.05 -16.12 7.94
CA PHE A 9 -1.90 -15.92 6.50
C PHE A 9 -0.72 -16.71 5.95
N GLU A 10 -0.94 -17.43 4.86
CA GLU A 10 0.08 -18.28 4.25
C GLU A 10 1.18 -17.42 3.65
N LYS A 11 2.41 -17.88 3.84
CA LYS A 11 3.56 -17.16 3.30
CA LYS A 11 3.62 -17.26 3.29
C LYS A 11 3.61 -17.30 1.77
N GLY A 12 4.32 -16.37 1.15
CA GLY A 12 4.50 -16.35 -0.29
C GLY A 12 5.95 -16.01 -0.57
N ALA A 13 6.22 -15.51 -1.78
CA ALA A 13 7.57 -15.03 -2.10
C ALA A 13 7.98 -13.92 -1.14
N THR A 14 9.27 -13.83 -0.82
CA THR A 14 9.74 -12.93 0.22
C THR A 14 9.79 -11.48 -0.30
N THR A 15 9.16 -10.59 0.45
CA THR A 15 9.23 -9.14 0.20
C THR A 15 10.67 -8.69 0.36
N ARG A 16 11.22 -8.01 -0.64
CA ARG A 16 12.63 -7.68 -0.64
C ARG A 16 12.98 -6.68 -1.73
N ILE A 17 14.19 -6.14 -1.65
CA ILE A 17 14.75 -5.32 -2.71
C ILE A 17 15.23 -6.19 -3.86
N LEU A 18 14.66 -5.98 -5.04
CA LEU A 18 15.07 -6.64 -6.26
C LEU A 18 16.27 -5.96 -6.90
N GLY A 19 16.39 -4.65 -6.70
CA GLY A 19 17.46 -3.90 -7.34
C GLY A 19 17.47 -2.45 -6.93
N VAL A 20 18.57 -1.78 -7.27
CA VAL A 20 18.66 -0.34 -7.03
CA VAL A 20 18.76 -0.34 -7.01
C VAL A 20 19.08 0.33 -8.33
N VAL A 21 18.52 1.52 -8.56
CA VAL A 21 18.79 2.28 -9.76
C VAL A 21 19.15 3.70 -9.40
N GLN A 22 19.89 4.31 -10.30
CA GLN A 22 20.20 5.72 -10.23
C GLN A 22 18.99 6.47 -10.75
N LEU A 23 18.69 7.56 -10.08
CA LEU A 23 17.64 8.46 -10.52
C LEU A 23 18.25 9.80 -10.90
N ASP A 24 17.86 10.30 -12.05
CA ASP A 24 18.26 11.61 -12.53
C ASP A 24 17.40 12.66 -11.82
N GLN A 25 17.96 13.37 -10.85
CA GLN A 25 17.15 14.23 -10.03
C GLN A 25 16.49 15.36 -10.82
N ARG A 26 17.20 15.94 -11.79
CA ARG A 26 16.60 17.00 -12.58
C ARG A 26 15.39 16.50 -13.34
N ARG A 27 15.57 15.41 -14.06
CA ARG A 27 14.46 14.87 -14.85
C ARG A 27 13.29 14.39 -13.97
N LEU A 28 13.63 13.79 -12.84
CA LEU A 28 12.62 13.33 -11.92
C LEU A 28 11.83 14.49 -11.31
N THR A 29 12.55 15.54 -10.90
CA THR A 29 11.94 16.74 -10.36
C THR A 29 10.92 17.30 -11.32
N ASP A 30 11.25 17.32 -12.62
CA ASP A 30 10.31 17.83 -13.62
C ASP A 30 9.02 16.99 -13.65
N ASP A 31 9.16 15.66 -13.68
CA ASP A 31 7.96 14.81 -13.74
C ASP A 31 7.19 14.87 -12.41
N LEU A 32 7.87 14.94 -11.29
CA LEU A 32 7.17 15.09 -10.00
C LEU A 32 6.40 16.41 -9.91
N ALA A 33 6.90 17.46 -10.55
CA ALA A 33 6.21 18.75 -10.55
C ALA A 33 4.89 18.66 -11.35
N VAL A 34 4.91 17.88 -12.44
CA VAL A 34 3.69 17.59 -13.17
C VAL A 34 2.73 16.80 -12.29
N LEU A 35 3.24 15.77 -11.62
CA LEU A 35 2.38 14.94 -10.77
C LEU A 35 1.73 15.74 -9.63
N ALA A 36 2.44 16.74 -9.12
CA ALA A 36 1.89 17.58 -8.04
C ALA A 36 0.62 18.33 -8.46
N LYS A 37 0.38 18.46 -9.77
CA LYS A 37 -0.81 19.14 -10.31
C LYS A 37 -1.72 18.18 -11.09
N SER A 38 -1.48 16.88 -10.98
CA SER A 38 -2.22 15.90 -11.77
C SER A 38 -3.47 15.41 -11.08
N ASN A 39 -4.36 14.87 -11.90
CA ASN A 39 -5.63 14.30 -11.47
C ASN A 39 -5.42 12.88 -10.95
N PHE A 40 -5.49 12.71 -9.63
CA PHE A 40 -5.41 11.39 -9.03
C PHE A 40 -6.79 10.77 -8.92
N SER A 41 -6.85 9.46 -9.10
CA SER A 41 -8.07 8.67 -9.01
C SER A 41 -8.63 8.67 -7.61
N SER A 42 -9.96 8.54 -7.53
CA SER A 42 -10.59 8.27 -6.25
CA SER A 42 -10.66 8.28 -6.28
C SER A 42 -10.93 6.79 -6.08
N GLU A 43 -10.61 5.96 -7.07
CA GLU A 43 -10.83 4.52 -6.94
C GLU A 43 -9.97 3.97 -5.80
N TYR A 44 -10.51 2.98 -5.09
CA TYR A 44 -9.89 2.39 -3.91
C TYR A 44 -9.77 3.35 -2.72
N SER A 45 -10.55 4.44 -2.75
CA SER A 45 -10.61 5.34 -1.60
C SER A 45 -11.18 4.65 -0.36
N ASP A 46 -11.92 3.55 -0.58
CA ASP A 46 -12.34 2.68 0.50
C ASP A 46 -11.19 2.02 1.27
N PHE A 47 -9.97 2.07 0.75
CA PHE A 47 -8.75 1.62 1.44
C PHE A 47 -7.93 2.75 2.04
N ALA A 48 -8.29 4.00 1.75
CA ALA A 48 -7.47 5.15 2.13
C ALA A 48 -7.89 5.67 3.49
N CYS A 49 -6.92 5.92 4.36
CA CYS A 49 -7.11 6.66 5.60
C CYS A 49 -6.46 8.01 5.36
N GLY A 50 -7.25 8.93 4.82
CA GLY A 50 -6.73 10.22 4.39
C GLY A 50 -6.22 10.17 2.96
N ARG A 51 -5.23 11.02 2.67
CA ARG A 51 -4.76 11.20 1.32
C ARG A 51 -3.72 10.18 0.87
N TRP A 52 -4.22 8.95 0.72
CA TRP A 52 -3.55 7.89 -0.01
C TRP A 52 -4.27 7.85 -1.34
N GLU A 53 -3.55 7.91 -2.46
CA GLU A 53 -4.20 7.95 -3.77
C GLU A 53 -3.22 7.57 -4.86
N PHE A 54 -3.74 7.25 -6.03
CA PHE A 54 -2.89 6.89 -7.16
C PHE A 54 -3.42 7.46 -8.46
N CYS A 55 -2.56 7.44 -9.48
CA CYS A 55 -2.99 7.66 -10.85
C CYS A 55 -2.37 6.64 -11.77
N MET A 56 -3.09 6.34 -12.85
CA MET A 56 -2.67 5.35 -13.82
C MET A 56 -1.74 5.95 -14.87
N LEU A 57 -0.58 5.33 -15.04
CA LEU A 57 0.36 5.65 -16.13
C LEU A 57 0.23 4.67 -17.28
N ARG A 58 -0.05 3.40 -16.97
CA ARG A 58 -0.32 2.37 -17.99
C ARG A 58 -1.42 1.44 -17.48
N ASN A 59 -2.27 0.99 -18.40
CA ASN A 59 -3.38 0.11 -18.04
C ASN A 59 -3.78 -0.71 -19.28
N GLN A 60 -4.93 -1.37 -19.27
CA GLN A 60 -5.29 -2.21 -20.40
C GLN A 60 -5.51 -1.41 -21.69
N SER A 61 -6.24 -0.32 -21.55
CA SER A 61 -6.79 0.41 -22.71
C SER A 61 -5.97 1.62 -23.12
N GLY A 62 -5.11 2.08 -22.24
CA GLY A 62 -4.44 3.37 -22.43
C GLY A 62 -5.34 4.57 -22.20
N LYS A 63 -6.53 4.37 -21.62
CA LYS A 63 -7.50 5.46 -21.43
C LYS A 63 -7.53 5.90 -19.98
N GLN A 64 -7.66 7.22 -19.76
CA GLN A 64 -7.76 7.83 -18.44
C GLN A 64 -8.94 7.28 -17.63
N GLU A 65 -10.04 6.91 -18.30
CA GLU A 65 -11.24 6.45 -17.61
C GLU A 65 -11.04 5.13 -16.86
N GLU A 66 -10.05 4.35 -17.26
CA GLU A 66 -9.82 3.03 -16.68
C GLU A 66 -8.94 3.16 -15.44
N GLN A 67 -9.53 2.90 -14.28
CA GLN A 67 -8.89 3.18 -13.00
C GLN A 67 -8.95 2.02 -11.99
N ARG A 68 -9.42 0.84 -12.40
CA ARG A 68 -9.46 -0.34 -11.52
C ARG A 68 -8.72 -1.50 -12.18
N VAL A 69 -8.19 -2.38 -11.34
CA VAL A 69 -7.40 -3.49 -11.80
C VAL A 69 -8.18 -4.81 -11.89
N VAL A 70 -7.80 -5.59 -12.90
CA VAL A 70 -8.33 -6.90 -13.17
C VAL A 70 -7.17 -7.70 -13.80
N VAL A 71 -7.09 -8.99 -13.53
CA VAL A 71 -6.13 -9.83 -14.24
C VAL A 71 -6.47 -9.83 -15.73
N HIS A 72 -5.47 -9.57 -16.55
CA HIS A 72 -5.64 -9.52 -18.00
C HIS A 72 -4.37 -10.00 -18.70
N GLU A 73 -4.43 -10.07 -20.01
CA GLU A 73 -3.41 -10.78 -20.77
C GLU A 73 -2.55 -9.92 -21.71
N THR A 74 -2.74 -8.60 -21.70
CA THR A 74 -2.07 -7.75 -22.68
C THR A 74 -1.04 -6.78 -22.09
N PRO A 75 0.00 -6.46 -22.90
CA PRO A 75 0.97 -5.45 -22.49
C PRO A 75 0.29 -4.13 -22.19
N ALA A 76 0.55 -3.56 -21.03
CA ALA A 76 -0.12 -2.34 -20.64
C ALA A 76 0.21 -1.20 -21.61
N LEU A 77 -0.79 -0.38 -21.89
CA LEU A 77 -0.69 0.77 -22.77
C LEU A 77 -0.65 2.04 -21.95
N ALA A 78 0.20 3.00 -22.35
CA ALA A 78 0.31 4.25 -21.64
C ALA A 78 -0.93 5.11 -21.79
N THR A 79 -1.35 5.71 -20.68
CA THR A 79 -2.42 6.68 -20.66
C THR A 79 -1.89 8.04 -21.10
N PRO A 80 -2.79 9.00 -21.36
CA PRO A 80 -2.27 10.32 -21.69
C PRO A 80 -1.34 10.87 -20.59
N LEU A 81 -1.70 10.60 -19.34
CA LEU A 81 -0.81 11.02 -18.25
C LEU A 81 0.56 10.33 -18.35
N GLY A 82 0.56 9.02 -18.55
CA GLY A 82 1.83 8.31 -18.71
C GLY A 82 2.67 8.85 -19.86
N GLN A 83 2.02 9.22 -20.95
CA GLN A 83 2.71 9.75 -22.14
C GLN A 83 3.23 11.17 -21.91
N SER A 84 2.80 11.84 -20.84
CA SER A 84 3.21 13.17 -20.53
C SER A 84 4.37 13.24 -19.53
N LEU A 85 4.82 12.08 -19.06
CA LEU A 85 5.84 11.99 -18.01
C LEU A 85 7.06 11.25 -18.60
N PRO A 86 7.92 11.98 -19.32
CA PRO A 86 8.92 11.28 -20.12
C PRO A 86 9.95 10.49 -19.32
N TYR A 87 10.32 10.98 -18.14
CA TYR A 87 11.32 10.27 -17.36
C TYR A 87 10.74 9.01 -16.74
N LEU A 88 9.53 9.12 -16.17
CA LEU A 88 8.87 7.94 -15.61
C LEU A 88 8.59 6.91 -16.70
N ASN A 89 8.21 7.37 -17.89
CA ASN A 89 8.05 6.46 -19.01
C ASN A 89 9.35 5.73 -19.36
N GLU A 90 10.45 6.46 -19.33
CA GLU A 90 11.76 5.88 -19.58
C GLU A 90 12.14 4.85 -18.52
N LEU A 91 11.88 5.17 -17.25
CA LEU A 91 12.17 4.20 -16.19
C LEU A 91 11.39 2.89 -16.39
N LEU A 92 10.13 2.99 -16.78
CA LEU A 92 9.33 1.82 -17.05
C LEU A 92 9.90 1.02 -18.21
N ASP A 93 10.32 1.72 -19.27
CA ASP A 93 10.93 1.07 -20.44
C ASP A 93 12.25 0.38 -20.11
N ASN A 94 13.02 0.99 -19.21
CA ASN A 94 14.40 0.61 -18.94
CA ASN A 94 14.39 0.56 -18.99
C ASN A 94 14.52 -0.54 -17.93
N HIS A 95 13.64 -0.52 -16.93
CA HIS A 95 13.83 -1.45 -15.81
C HIS A 95 12.83 -2.59 -15.71
N PHE A 96 11.91 -2.66 -16.67
CA PHE A 96 10.89 -3.72 -16.74
C PHE A 96 10.73 -4.19 -18.19
N ASP A 97 10.19 -5.38 -18.33
CA ASP A 97 9.82 -5.91 -19.62
C ASP A 97 8.44 -5.39 -20.02
N ARG A 98 8.37 -4.64 -21.12
CA ARG A 98 7.11 -4.00 -21.54
C ARG A 98 5.94 -4.97 -21.55
N ASP A 99 6.13 -6.14 -22.14
CA ASP A 99 5.03 -7.05 -22.36
C ASP A 99 4.57 -7.76 -21.09
N SER A 100 5.36 -7.63 -20.01
CA SER A 100 5.01 -8.21 -18.70
C SER A 100 4.22 -7.25 -17.83
N ILE A 101 4.21 -5.97 -18.18
CA ILE A 101 3.48 -4.97 -17.39
C ILE A 101 2.00 -5.09 -17.65
N ARG A 102 1.21 -5.09 -16.58
CA ARG A 102 -0.24 -5.12 -16.67
C ARG A 102 -0.85 -3.78 -16.23
N TYR A 103 -0.24 -3.14 -15.23
CA TYR A 103 -0.58 -1.78 -14.82
C TYR A 103 0.70 -1.07 -14.37
N ALA A 104 0.72 0.24 -14.51
CA ALA A 104 1.72 1.08 -13.87
C ALA A 104 1.05 2.30 -13.30
N ARG A 105 1.38 2.63 -12.07
CA ARG A 105 0.73 3.71 -11.32
C ARG A 105 1.75 4.53 -10.55
N ILE A 106 1.37 5.76 -10.26
CA ILE A 106 2.05 6.55 -9.23
C ILE A 106 1.17 6.52 -8.01
N ILE A 107 1.74 6.16 -6.86
CA ILE A 107 1.00 6.13 -5.61
C ILE A 107 1.62 7.15 -4.65
N ARG A 108 0.81 8.14 -4.27
CA ARG A 108 1.21 9.25 -3.43
C ARG A 108 0.53 9.17 -2.09
N ILE A 109 1.30 9.31 -1.02
CA ILE A 109 0.76 9.42 0.32
C ILE A 109 1.18 10.79 0.85
N SER A 110 0.21 11.59 1.29
CA SER A 110 0.47 12.90 1.85
C SER A 110 0.49 12.82 3.37
N GLU A 111 0.73 13.96 4.01
CA GLU A 111 1.03 14.02 5.42
C GLU A 111 -0.05 13.36 6.28
N ASN A 112 0.39 12.46 7.14
CA ASN A 112 -0.45 11.76 8.11
C ASN A 112 -1.53 10.91 7.47
N ALA A 113 -1.24 10.34 6.32
CA ALA A 113 -2.16 9.45 5.65
C ALA A 113 -1.55 8.04 5.63
N CYS A 114 -2.42 7.05 5.51
CA CYS A 114 -1.99 5.67 5.28
C CYS A 114 -3.01 4.94 4.47
N ILE A 115 -2.61 3.78 3.97
CA ILE A 115 -3.59 2.82 3.45
C ILE A 115 -3.95 1.85 4.57
N ILE A 116 -5.23 1.51 4.70
CA ILE A 116 -5.65 0.62 5.77
C ILE A 116 -4.95 -0.74 5.60
N PRO A 117 -4.56 -1.39 6.71
CA PRO A 117 -4.03 -2.73 6.58
C PRO A 117 -4.97 -3.63 5.76
N HIS A 118 -4.39 -4.31 4.77
CA HIS A 118 -5.19 -5.07 3.82
C HIS A 118 -4.34 -6.11 3.13
N ARG A 119 -5.00 -6.98 2.38
CA ARG A 119 -4.37 -7.83 1.39
C ARG A 119 -4.95 -7.48 0.02
N ASP A 120 -4.09 -7.49 -0.99
CA ASP A 120 -4.54 -7.32 -2.36
C ASP A 120 -4.92 -8.66 -2.97
N TYR A 121 -5.53 -8.58 -4.15
CA TYR A 121 -5.76 -9.70 -5.06
C TYR A 121 -6.97 -10.57 -4.72
N LEU A 122 -7.64 -10.28 -3.62
CA LEU A 122 -8.74 -11.14 -3.17
C LEU A 122 -9.87 -11.22 -4.21
N GLU A 123 -10.08 -10.11 -4.93
CA GLU A 123 -11.14 -9.99 -5.95
C GLU A 123 -10.70 -10.48 -7.32
N LEU A 124 -9.42 -10.84 -7.47
CA LEU A 124 -8.87 -11.19 -8.77
C LEU A 124 -8.91 -12.69 -9.03
N GLU A 125 -8.97 -13.02 -10.32
CA GLU A 125 -8.80 -14.39 -10.79
C GLU A 125 -7.34 -14.57 -11.13
N GLY A 126 -6.55 -14.76 -10.08
CA GLY A 126 -5.10 -14.83 -10.20
C GLY A 126 -4.44 -13.82 -9.26
N LYS A 127 -3.27 -13.34 -9.66
CA LYS A 127 -2.49 -12.41 -8.87
C LYS A 127 -1.62 -11.56 -9.78
N PHE A 128 -1.03 -10.51 -9.21
CA PHE A 128 0.06 -9.81 -9.83
C PHE A 128 1.33 -10.05 -9.01
N ILE A 129 2.45 -9.74 -9.64
CA ILE A 129 3.70 -9.48 -8.95
C ILE A 129 3.80 -7.95 -8.82
N ARG A 130 3.69 -7.42 -7.61
CA ARG A 130 3.66 -5.98 -7.41
C ARG A 130 5.04 -5.49 -7.01
N VAL A 131 5.51 -4.49 -7.75
CA VAL A 131 6.83 -3.95 -7.48
CA VAL A 131 6.86 -3.95 -7.61
C VAL A 131 6.77 -2.43 -7.39
N HIS A 132 7.52 -1.91 -6.42
CA HIS A 132 7.60 -0.49 -6.18
C HIS A 132 9.01 0.01 -6.51
N LEU A 133 9.07 1.11 -7.24
CA LEU A 133 10.29 1.87 -7.44
CA LEU A 133 10.30 1.89 -7.43
C LEU A 133 10.08 3.20 -6.68
N VAL A 134 10.89 3.43 -5.65
CA VAL A 134 10.69 4.59 -4.78
C VAL A 134 11.24 5.85 -5.45
N LEU A 135 10.40 6.86 -5.61
CA LEU A 135 10.80 8.12 -6.28
C LEU A 135 11.14 9.27 -5.35
N ASP A 136 10.34 9.46 -4.30
CA ASP A 136 10.48 10.58 -3.36
C ASP A 136 9.94 10.12 -2.02
N THR A 137 10.79 10.08 -1.01
CA THR A 137 10.44 9.58 0.28
C THR A 137 11.29 10.27 1.35
N ASN A 138 11.04 9.94 2.60
CA ASN A 138 11.82 10.44 3.72
C ASN A 138 11.69 9.48 4.88
N GLU A 139 12.45 9.74 5.93
CA GLU A 139 12.52 8.81 7.05
CA GLU A 139 12.54 8.93 7.13
C GLU A 139 11.21 8.69 7.86
N LYS A 140 10.24 9.59 7.65
CA LYS A 140 8.92 9.49 8.29
C LYS A 140 7.91 8.75 7.43
N CYS A 141 8.38 8.06 6.39
CA CYS A 141 7.56 7.18 5.59
C CYS A 141 8.00 5.75 5.84
N SER A 142 7.02 4.87 6.01
CA SER A 142 7.30 3.46 6.25
C SER A 142 6.26 2.59 5.58
N ASN A 143 6.64 1.36 5.29
CA ASN A 143 5.71 0.29 4.90
C ASN A 143 5.76 -0.76 5.99
N THR A 144 4.69 -1.53 6.09
CA THR A 144 4.60 -2.58 7.09
C THR A 144 4.13 -3.87 6.44
N GLU A 145 4.49 -4.97 7.07
CA GLU A 145 4.05 -6.29 6.63
C GLU A 145 3.95 -7.13 7.88
N GLU A 146 2.75 -7.62 8.20
CA GLU A 146 2.56 -8.42 9.40
CA GLU A 146 2.50 -8.38 9.42
C GLU A 146 3.06 -7.65 10.63
N ASN A 147 4.06 -8.20 11.32
CA ASN A 147 4.67 -7.64 12.53
CA ASN A 147 4.57 -7.53 12.52
C ASN A 147 5.81 -6.67 12.28
N ASN A 148 6.18 -6.52 11.01
CA ASN A 148 7.38 -5.81 10.62
C ASN A 148 7.11 -4.41 10.06
N ILE A 149 8.06 -3.51 10.31
CA ILE A 149 8.07 -2.17 9.72
C ILE A 149 9.40 -1.96 9.02
N PHE A 150 9.37 -1.29 7.88
CA PHE A 150 10.56 -1.07 7.08
C PHE A 150 10.43 0.18 6.24
N HIS A 151 11.57 0.71 5.82
CA HIS A 151 11.60 1.87 4.97
C HIS A 151 12.11 1.50 3.58
N MET A 152 11.32 1.84 2.57
CA MET A 152 11.73 1.66 1.20
CA MET A 152 11.70 1.67 1.17
C MET A 152 12.41 2.94 0.74
N GLY A 153 13.69 2.84 0.42
CA GLY A 153 14.50 4.00 0.10
C GLY A 153 14.47 4.44 -1.35
N ARG A 154 14.77 5.72 -1.59
CA ARG A 154 14.84 6.28 -2.92
C ARG A 154 15.70 5.42 -3.85
N GLY A 155 15.17 5.13 -5.02
CA GLY A 155 15.90 4.41 -6.05
C GLY A 155 15.88 2.89 -5.89
N GLU A 156 15.29 2.40 -4.80
CA GLU A 156 15.12 0.98 -4.61
C GLU A 156 13.89 0.46 -5.31
N ILE A 157 14.04 -0.72 -5.90
CA ILE A 157 12.95 -1.46 -6.51
C ILE A 157 12.68 -2.64 -5.61
N TRP A 158 11.48 -2.67 -5.03
CA TRP A 158 11.06 -3.69 -4.10
C TRP A 158 9.95 -4.56 -4.69
N PHE A 159 10.05 -5.86 -4.43
CA PHE A 159 8.88 -6.73 -4.53
C PHE A 159 8.17 -6.73 -3.20
N LEU A 160 6.86 -6.50 -3.24
CA LEU A 160 6.01 -6.62 -2.04
CA LEU A 160 5.98 -6.56 -2.08
C LEU A 160 5.06 -7.77 -2.21
N ASP A 161 5.10 -8.71 -1.26
CA ASP A 161 4.09 -9.78 -1.24
C ASP A 161 2.77 -9.21 -0.73
N ALA A 162 1.94 -8.78 -1.68
CA ALA A 162 0.71 -8.11 -1.37
C ALA A 162 -0.40 -9.06 -0.89
N SER A 163 -0.09 -10.37 -0.87
CA SER A 163 -0.98 -11.33 -0.26
CA SER A 163 -0.95 -11.37 -0.22
C SER A 163 -0.75 -11.49 1.27
N LEU A 164 0.30 -10.91 1.82
CA LEU A 164 0.42 -10.80 3.27
C LEU A 164 -0.20 -9.48 3.68
N PRO A 165 -0.83 -9.44 4.87
CA PRO A 165 -1.38 -8.17 5.32
C PRO A 165 -0.29 -7.10 5.43
N HIS A 166 -0.59 -5.90 4.93
CA HIS A 166 0.42 -4.85 4.85
C HIS A 166 -0.24 -3.47 4.84
N SER A 167 0.57 -2.47 5.07
CA SER A 167 0.15 -1.05 5.04
C SER A 167 1.34 -0.18 4.62
N ALA A 168 1.07 1.10 4.52
CA ALA A 168 2.07 2.10 4.11
C ALA A 168 1.58 3.45 4.59
N GLY A 169 2.48 4.29 5.08
CA GLY A 169 2.11 5.59 5.61
C GLY A 169 3.16 6.63 5.36
N CYS A 170 2.73 7.89 5.46
CA CYS A 170 3.59 9.04 5.37
C CYS A 170 3.26 10.00 6.52
N PHE A 171 4.26 10.29 7.33
CA PHE A 171 4.04 11.16 8.51
C PHE A 171 4.96 12.40 8.44
N SER A 172 5.21 12.85 7.22
CA SER A 172 6.02 14.03 6.95
CA SER A 172 6.03 14.03 6.93
C SER A 172 5.16 15.07 6.23
N PRO A 173 5.54 16.36 6.33
CA PRO A 173 4.82 17.37 5.56
C PRO A 173 4.92 17.18 4.05
N THR A 174 6.04 16.60 3.60
CA THR A 174 6.36 16.37 2.20
CA THR A 174 6.22 16.42 2.18
C THR A 174 5.74 15.03 1.76
N PRO A 175 5.01 14.98 0.63
CA PRO A 175 4.43 13.70 0.24
C PRO A 175 5.45 12.70 -0.27
N ARG A 176 5.02 11.44 -0.21
CA ARG A 176 5.81 10.28 -0.60
C ARG A 176 5.25 9.71 -1.89
N LEU A 177 6.09 9.54 -2.89
CA LEU A 177 5.67 8.98 -4.17
C LEU A 177 6.45 7.74 -4.56
N HIS A 178 5.72 6.68 -4.91
CA HIS A 178 6.29 5.44 -5.44
C HIS A 178 5.71 5.21 -6.84
N LEU A 179 6.53 4.68 -7.73
CA LEU A 179 6.08 4.10 -8.99
C LEU A 179 5.80 2.63 -8.75
N VAL A 180 4.56 2.21 -8.96
CA VAL A 180 4.10 0.88 -8.61
C VAL A 180 3.66 0.17 -9.88
N VAL A 181 4.28 -0.98 -10.13
CA VAL A 181 4.09 -1.73 -11.37
C VAL A 181 3.51 -3.10 -11.02
N ASP A 182 2.38 -3.44 -11.65
CA ASP A 182 1.80 -4.75 -11.58
C ASP A 182 2.28 -5.57 -12.76
N ILE A 183 3.08 -6.58 -12.45
CA ILE A 183 3.63 -7.51 -13.42
C ILE A 183 2.75 -8.78 -13.48
N GLU A 184 2.60 -9.33 -14.68
CA GLU A 184 1.81 -10.55 -14.86
C GLU A 184 2.32 -11.63 -13.88
N GLY A 185 1.37 -12.32 -13.23
CA GLY A 185 1.67 -13.12 -12.06
C GLY A 185 2.46 -14.38 -12.26
N THR A 186 2.47 -14.87 -13.50
CA THR A 186 3.22 -16.09 -13.81
C THR A 186 4.68 -15.82 -14.18
N ARG A 187 5.08 -14.55 -14.24
CA ARG A 187 6.45 -14.22 -14.61
C ARG A 187 7.41 -14.66 -13.50
N SER A 188 8.64 -14.92 -13.90
CA SER A 188 9.69 -15.29 -12.95
C SER A 188 10.10 -14.05 -12.16
N LEU A 189 9.87 -14.07 -10.85
CA LEU A 189 10.10 -12.88 -10.03
C LEU A 189 11.55 -12.41 -10.16
N GLU A 190 12.47 -13.36 -10.18
CA GLU A 190 13.88 -13.02 -10.25
C GLU A 190 14.28 -12.34 -11.57
N GLU A 191 13.42 -12.40 -12.59
CA GLU A 191 13.73 -11.83 -13.90
CA GLU A 191 13.70 -11.85 -13.92
C GLU A 191 13.00 -10.51 -14.17
N VAL A 192 12.17 -10.07 -13.22
CA VAL A 192 11.35 -8.88 -13.40
C VAL A 192 12.14 -7.56 -13.52
N ALA A 193 13.09 -7.32 -12.63
CA ALA A 193 13.81 -6.05 -12.63
C ALA A 193 15.02 -6.18 -13.56
N ILE A 194 15.12 -5.24 -14.49
CA ILE A 194 16.10 -5.25 -15.58
C ILE A 194 17.01 -4.01 -15.40
N ASN A 195 18.29 -4.15 -15.77
CA ASN A 195 19.24 -3.03 -15.73
CA ASN A 195 19.25 -3.05 -15.73
C ASN A 195 19.30 -2.37 -14.36
N VAL A 196 19.48 -3.19 -13.33
CA VAL A 196 19.57 -2.75 -11.96
C VAL A 196 20.92 -3.14 -11.38
N GLU A 197 21.28 -2.50 -10.28
CA GLU A 197 22.34 -3.00 -9.42
C GLU A 197 21.72 -3.92 -8.38
N GLN A 198 22.31 -5.08 -8.18
CA GLN A 198 21.88 -5.92 -7.07
C GLN A 198 22.15 -5.16 -5.77
N PRO A 199 21.24 -5.24 -4.81
CA PRO A 199 21.43 -4.49 -3.59
C PRO A 199 22.56 -5.06 -2.72
N SER A 200 23.37 -4.16 -2.18
CA SER A 200 24.35 -4.53 -1.18
C SER A 200 23.65 -4.99 0.09
N ALA A 201 24.23 -5.94 0.80
CA ALA A 201 23.59 -6.47 2.00
C ALA A 201 23.29 -5.37 3.00
N ARG A 202 22.12 -5.45 3.60
CA ARG A 202 21.78 -4.45 4.61
CA ARG A 202 21.62 -4.46 4.54
C ARG A 202 21.42 -5.07 5.93
N ASN A 203 21.61 -4.26 6.97
CA ASN A 203 21.06 -4.57 8.28
C ASN A 203 19.53 -4.26 8.16
N ALA A 204 18.68 -4.87 8.98
CA ALA A 204 17.24 -4.53 9.02
C ALA A 204 17.02 -3.04 9.33
N THR A 205 15.92 -2.47 8.81
CA THR A 205 15.47 -1.15 9.25
C THR A 205 15.38 -1.22 10.79
N VAL A 206 15.88 -0.19 11.49
CA VAL A 206 15.81 -0.16 12.97
C VAL A 206 14.37 0.09 13.44
N ASP A 207 13.84 -0.79 14.30
CA ASP A 207 12.39 -0.71 14.77
C ASP A 207 12.30 0.13 16.03
N THR A 208 11.89 1.38 15.85
CA THR A 208 11.87 2.33 16.94
C THR A 208 10.48 2.39 17.60
N ARG A 209 9.55 1.50 17.23
CA ARG A 209 8.20 1.59 17.76
C ARG A 209 8.12 1.27 19.26
N LYS A 210 7.11 1.85 19.90
CA LYS A 210 6.84 1.68 21.33
C LYS A 210 6.29 0.29 21.66
N GLU A 211 6.68 -0.29 22.78
CA GLU A 211 6.04 -1.51 23.24
C GLU A 211 4.55 -1.26 23.48
N TRP A 212 3.72 -2.20 23.05
CA TRP A 212 2.27 -2.17 23.26
C TRP A 212 1.98 -2.63 24.70
N THR A 213 1.20 -1.83 25.42
CA THR A 213 0.97 -2.06 26.84
C THR A 213 -0.52 -2.22 27.13
N ASP A 214 -0.81 -2.73 28.32
CA ASP A 214 -2.18 -2.84 28.79
C ASP A 214 -2.83 -1.47 28.85
N GLU A 215 -2.07 -0.44 29.23
CA GLU A 215 -2.57 0.93 29.33
CA GLU A 215 -2.63 0.89 29.35
C GLU A 215 -3.01 1.46 27.97
N THR A 216 -2.21 1.19 26.97
CA THR A 216 -2.55 1.64 25.61
C THR A 216 -3.77 0.88 25.11
N LEU A 217 -3.80 -0.44 25.30
CA LEU A 217 -4.94 -1.23 24.88
C LEU A 217 -6.24 -0.78 25.56
N GLU A 218 -6.20 -0.54 26.87
CA GLU A 218 -7.40 -0.07 27.56
CA GLU A 218 -7.40 -0.06 27.57
C GLU A 218 -7.87 1.29 27.05
N SER A 219 -6.95 2.19 26.72
CA SER A 219 -7.29 3.50 26.12
C SER A 219 -8.09 3.30 24.82
N VAL A 220 -7.60 2.39 24.00
CA VAL A 220 -8.22 2.07 22.74
C VAL A 220 -9.59 1.39 22.91
N LEU A 221 -9.69 0.40 23.78
CA LEU A 221 -10.94 -0.35 23.93
C LEU A 221 -12.02 0.56 24.52
N GLY A 222 -11.57 1.61 25.21
CA GLY A 222 -12.44 2.66 25.76
C GLY A 222 -13.21 3.45 24.71
N PHE A 223 -12.82 3.33 23.43
CA PHE A 223 -13.63 3.94 22.38
CA PHE A 223 -13.59 3.91 22.32
C PHE A 223 -15.02 3.32 22.33
N SER A 224 -15.22 2.18 22.99
CA SER A 224 -16.55 1.55 23.06
C SER A 224 -17.63 2.50 23.58
N GLU A 225 -17.24 3.45 24.41
CA GLU A 225 -18.19 4.37 25.03
C GLU A 225 -18.66 5.46 24.08
N ILE A 226 -17.92 5.70 23.01
CA ILE A 226 -18.29 6.76 22.07
C ILE A 226 -18.48 6.33 20.62
N ILE A 227 -18.09 5.12 20.25
CA ILE A 227 -18.14 4.71 18.85
C ILE A 227 -19.59 4.73 18.36
N SER A 228 -19.77 5.20 17.14
CA SER A 228 -21.07 5.31 16.50
C SER A 228 -20.90 5.33 15.00
N GLU A 229 -22.02 5.29 14.29
CA GLU A 229 -21.96 5.46 12.85
C GLU A 229 -21.28 6.79 12.47
N ALA A 230 -21.49 7.83 13.28
CA ALA A 230 -20.97 9.15 12.97
C ALA A 230 -19.47 9.29 12.99
N ASN A 231 -18.78 8.48 13.81
CA ASN A 231 -17.33 8.59 13.99
C ASN A 231 -16.57 7.31 13.65
N TYR A 232 -17.27 6.35 13.08
CA TYR A 232 -16.69 5.03 12.84
C TYR A 232 -15.42 5.17 11.97
N ARG A 233 -15.48 6.01 10.94
CA ARG A 233 -14.35 6.16 10.00
C ARG A 233 -13.09 6.72 10.65
N GLU A 234 -13.25 7.74 11.47
CA GLU A 234 -12.13 8.34 12.20
C GLU A 234 -11.55 7.30 13.12
N ILE A 235 -12.40 6.55 13.81
CA ILE A 235 -11.88 5.56 14.73
C ILE A 235 -11.08 4.50 13.97
N VAL A 236 -11.60 4.01 12.86
CA VAL A 236 -10.89 3.01 12.07
C VAL A 236 -9.52 3.56 11.63
N ALA A 237 -9.48 4.80 11.19
CA ALA A 237 -8.23 5.43 10.79
C ALA A 237 -7.23 5.53 11.94
N ILE A 238 -7.69 5.94 13.11
CA ILE A 238 -6.83 5.98 14.28
C ILE A 238 -6.26 4.60 14.57
N LEU A 239 -7.12 3.60 14.55
CA LEU A 239 -6.67 2.23 14.82
C LEU A 239 -5.62 1.81 13.79
N ALA A 240 -5.87 2.10 12.52
CA ALA A 240 -4.99 1.72 11.43
C ALA A 240 -3.60 2.33 11.56
N LYS A 241 -3.51 3.53 12.13
CA LYS A 241 -2.22 4.23 12.24
C LYS A 241 -1.38 3.78 13.42
N LEU A 242 -1.99 3.13 14.41
CA LEU A 242 -1.24 2.78 15.61
C LEU A 242 0.00 1.93 15.35
N HIS A 243 -0.09 0.97 14.41
CA HIS A 243 1.01 0.04 14.19
C HIS A 243 2.23 0.69 13.51
N PHE A 244 2.11 1.92 13.03
CA PHE A 244 3.30 2.66 12.59
C PHE A 244 4.16 3.13 13.74
N PHE A 245 3.59 3.19 14.95
CA PHE A 245 4.25 3.75 16.10
C PHE A 245 4.33 2.83 17.33
N HIS A 246 3.60 1.72 17.30
CA HIS A 246 3.53 0.74 18.38
C HIS A 246 3.83 -0.65 17.79
N LYS A 247 4.54 -1.48 18.56
CA LYS A 247 4.96 -2.80 18.10
C LYS A 247 3.81 -3.78 18.19
N VAL A 248 3.01 -3.79 17.14
CA VAL A 248 1.86 -4.68 17.01
C VAL A 248 1.77 -5.15 15.57
N HIS A 249 1.03 -6.22 15.34
CA HIS A 249 0.77 -6.74 13.99
C HIS A 249 -0.22 -5.79 13.29
N CYS A 250 -0.03 -5.64 11.98
CA CYS A 250 -0.90 -4.72 11.28
CA CYS A 250 -0.89 -4.88 11.07
C CYS A 250 -2.38 -5.16 11.25
N VAL A 251 -2.72 -6.44 11.48
CA VAL A 251 -4.13 -6.84 11.51
C VAL A 251 -4.76 -6.73 12.88
N ASP A 252 -3.97 -6.42 13.90
CA ASP A 252 -4.53 -6.39 15.27
C ASP A 252 -5.68 -5.38 15.40
N MET A 253 -5.65 -4.31 14.60
CA MET A 253 -6.72 -3.31 14.62
C MET A 253 -8.12 -3.91 14.43
N TYR A 254 -8.22 -5.00 13.67
CA TYR A 254 -9.52 -5.61 13.40
C TYR A 254 -10.06 -6.29 14.67
N GLY A 255 -9.15 -6.88 15.46
CA GLY A 255 -9.50 -7.43 16.77
C GLY A 255 -9.89 -6.33 17.74
N TRP A 256 -9.13 -5.23 17.75
CA TRP A 256 -9.50 -4.10 18.59
C TRP A 256 -10.89 -3.58 18.23
N LEU A 257 -11.16 -3.39 16.95
CA LEU A 257 -12.46 -2.89 16.51
C LEU A 257 -13.59 -3.85 16.91
N LYS A 258 -13.37 -5.14 16.73
CA LYS A 258 -14.38 -6.11 17.11
CA LYS A 258 -14.35 -6.17 17.13
C LYS A 258 -14.70 -6.02 18.61
N GLU A 259 -13.68 -5.86 19.45
CA GLU A 259 -13.89 -5.77 20.89
C GLU A 259 -14.57 -4.45 21.28
N ILE A 260 -14.15 -3.36 20.65
CA ILE A 260 -14.78 -2.06 20.85
C ILE A 260 -16.28 -2.19 20.57
N CYS A 261 -16.62 -2.80 19.43
CA CYS A 261 -18.03 -2.91 19.04
C CYS A 261 -18.79 -3.92 19.92
N ARG A 262 -18.14 -4.99 20.32
CA ARG A 262 -18.75 -5.93 21.25
C ARG A 262 -19.15 -5.23 22.55
N ARG A 263 -18.25 -4.43 23.08
CA ARG A 263 -18.51 -3.67 24.31
C ARG A 263 -19.64 -2.66 24.15
N ARG A 264 -19.67 -1.95 23.02
CA ARG A 264 -20.73 -1.00 22.74
C ARG A 264 -22.09 -1.69 22.67
N GLY A 265 -22.13 -2.87 22.05
CA GLY A 265 -23.34 -3.71 22.03
C GLY A 265 -24.39 -3.38 20.98
N GLU A 266 -24.07 -2.48 20.07
CA GLU A 266 -24.98 -2.13 18.99
C GLU A 266 -24.79 -3.11 17.81
N PRO A 267 -25.87 -3.81 17.42
CA PRO A 267 -25.70 -4.84 16.39
C PRO A 267 -25.13 -4.33 15.05
N ALA A 268 -25.51 -3.14 14.60
CA ALA A 268 -25.05 -2.64 13.30
C ALA A 268 -23.54 -2.47 13.28
N LEU A 269 -22.98 -2.00 14.38
CA LEU A 269 -21.54 -1.73 14.43
C LEU A 269 -20.74 -3.03 14.54
N ILE A 270 -21.31 -4.02 15.23
CA ILE A 270 -20.71 -5.34 15.35
C ILE A 270 -20.65 -5.98 13.96
N GLU A 271 -21.77 -5.93 13.23
CA GLU A 271 -21.82 -6.48 11.87
C GLU A 271 -20.83 -5.78 10.96
N LYS A 272 -20.74 -4.46 11.10
CA LYS A 272 -19.82 -3.70 10.25
C LYS A 272 -18.37 -4.10 10.51
N ALA A 273 -18.02 -4.29 11.78
CA ALA A 273 -16.65 -4.63 12.11
C ALA A 273 -16.27 -5.97 11.49
N ASN A 274 -17.19 -6.94 11.52
CA ASN A 274 -16.95 -8.23 10.89
CA ASN A 274 -16.96 -8.23 10.89
C ASN A 274 -16.78 -8.07 9.38
N SER A 275 -17.62 -7.21 8.78
CA SER A 275 -17.57 -6.93 7.35
CA SER A 275 -17.55 -6.95 7.35
C SER A 275 -16.24 -6.30 6.94
N LEU A 276 -15.72 -5.39 7.76
CA LEU A 276 -14.44 -4.78 7.43
C LEU A 276 -13.31 -5.82 7.40
N GLU A 277 -13.24 -6.65 8.43
CA GLU A 277 -12.20 -7.67 8.45
C GLU A 277 -12.33 -8.57 7.22
N ARG A 278 -13.55 -8.99 6.91
CA ARG A 278 -13.79 -9.85 5.76
C ARG A 278 -13.29 -9.19 4.46
N PHE A 279 -13.71 -7.95 4.25
CA PHE A 279 -13.44 -7.25 3.00
C PHE A 279 -11.95 -6.97 2.81
N TYR A 280 -11.29 -6.50 3.86
CA TYR A 280 -9.89 -6.09 3.70
C TYR A 280 -8.93 -7.27 3.68
N LEU A 281 -9.28 -8.34 4.39
CA LEU A 281 -8.36 -9.43 4.63
C LEU A 281 -8.73 -10.81 4.11
N ILE A 282 -10.03 -11.09 3.90
CA ILE A 282 -10.47 -12.47 3.67
C ILE A 282 -10.99 -12.73 2.26
N ASP A 283 -11.98 -11.96 1.82
CA ASP A 283 -12.55 -12.17 0.47
C ASP A 283 -13.30 -10.93 0.01
N ARG A 284 -13.24 -10.68 -1.30
CA ARG A 284 -13.91 -9.58 -1.96
C ARG A 284 -14.30 -10.01 -3.34
N ALA A 285 -15.39 -9.46 -3.86
CA ALA A 285 -15.77 -9.68 -5.25
C ALA A 285 -15.24 -8.56 -6.14
N ALA A 286 -15.08 -8.87 -7.42
CA ALA A 286 -14.71 -7.87 -8.41
C ALA A 286 -15.70 -6.72 -8.39
N GLY A 287 -15.15 -5.52 -8.26
CA GLY A 287 -15.92 -4.28 -8.23
C GLY A 287 -16.54 -3.93 -6.89
N GLU A 288 -16.41 -4.82 -5.90
CA GLU A 288 -17.01 -4.58 -4.59
C GLU A 288 -16.26 -3.44 -3.92
N VAL A 289 -17.00 -2.53 -3.31
CA VAL A 289 -16.48 -1.37 -2.61
C VAL A 289 -17.04 -1.40 -1.19
N MET A 290 -16.24 -0.97 -0.23
CA MET A 290 -16.67 -0.86 1.17
C MET A 290 -17.04 0.58 1.50
N THR A 291 -18.11 0.75 2.25
CA THR A 291 -18.54 2.06 2.70
C THR A 291 -18.68 2.01 4.20
N TYR A 292 -18.80 3.22 4.73
N TYR A 292 -18.22 3.05 4.93
CA TYR A 292 -19.07 3.48 6.09
CA TYR A 292 -18.18 3.02 6.43
C TYR A 292 -20.36 4.28 6.13
C TYR A 292 -18.00 4.41 7.06
#